data_4ICH
#
_entry.id   4ICH
#
_cell.length_a   42.845
_cell.length_b   76.929
_cell.length_c   109.258
_cell.angle_alpha   90.00
_cell.angle_beta   90.00
_cell.angle_gamma   90.00
#
_symmetry.space_group_name_H-M   'P 21 21 21'
#
loop_
_entity.id
_entity.type
_entity.pdbx_description
1 polymer 'Transcriptional regulator'
2 non-polymer BETA-MERCAPTOETHANOL
3 non-polymer 2-[3-(2-HYDROXY-1,1-DIHYDROXYMETHYL-ETHYLAMINO)-PROPYLAMINO]-2-HYDROXYMETHYL-PROPANE-1,3-DIOL
4 non-polymer 'BROMIDE ION'
5 non-polymer 1,2-ETHANEDIOL
6 water water
#
_entity_poly.entity_id   1
_entity_poly.type   'polypeptide(L)'
_entity_poly.pdbx_seq_one_letter_code
;(MSE)HHHHHHSSGVDLGTENLYFQSNA(MSE)SESDELRRRVRGLIHSRPGAQREFAAAIGLDESKLSKSLNGTRRFSP
HELVRIAEHSGVTVNWLINGRDDARTVAAVPAPTARSRSAPAGEPQSEARRRILETAWRLIARRGYHNVRIHDIASELGT
SNATIHYHFPSKKDILLEALRRNVKLAFDRQVAELHTIADARERLVRLVELQLPTPGLLRDEWSVWLQVWTESTLNPKIR
DLYNDAYDRWYQTIA(MSE)TIRTGQKQGVFRDQDADELATRLSALIDGLGIQVLTGKRGCSVDH(MSE)RQHLNDFIEH
NIVERRP
;
_entity_poly.pdbx_strand_id   A,B
#
# COMPACT_ATOMS: atom_id res chain seq x y z
N PRO A 117 -5.07 7.48 37.47
CA PRO A 117 -3.61 7.51 37.38
C PRO A 117 -3.12 8.58 36.40
N GLN A 118 -2.07 8.20 35.69
CA GLN A 118 -1.41 8.94 34.64
C GLN A 118 -1.22 7.96 33.42
N SER A 119 -1.35 6.66 33.72
CA SER A 119 -1.29 5.61 32.73
C SER A 119 -2.54 5.79 31.88
N GLU A 120 -3.60 6.17 32.60
CA GLU A 120 -4.92 6.47 32.09
C GLU A 120 -4.90 7.63 31.08
N ALA A 121 -4.31 8.76 31.46
CA ALA A 121 -4.24 9.89 30.58
C ALA A 121 -3.54 9.50 29.26
N ARG A 122 -2.40 8.84 29.38
CA ARG A 122 -1.62 8.40 28.23
C ARG A 122 -2.45 7.56 27.28
N ARG A 123 -3.10 6.55 27.85
CA ARG A 123 -3.95 5.67 27.11
C ARG A 123 -5.03 6.37 26.31
N ARG A 124 -5.76 7.23 26.96
CA ARG A 124 -6.81 7.97 26.36
C ARG A 124 -6.29 8.85 25.23
N ILE A 125 -5.17 9.50 25.40
CA ILE A 125 -4.60 10.31 24.35
C ILE A 125 -4.35 9.47 23.15
N LEU A 126 -3.73 8.33 23.37
CA LEU A 126 -3.38 7.43 22.23
C LEU A 126 -4.58 6.79 21.50
N GLU A 127 -5.60 6.39 22.21
CA GLU A 127 -6.83 5.83 21.61
C GLU A 127 -7.47 6.91 20.74
N THR A 128 -7.58 8.11 21.26
CA THR A 128 -8.12 9.26 20.50
C THR A 128 -7.27 9.60 19.30
N ALA A 129 -5.97 9.74 19.52
CA ALA A 129 -5.07 10.09 18.43
C ALA A 129 -5.13 9.05 17.34
N TRP A 130 -5.25 7.80 17.71
CA TRP A 130 -5.31 6.75 16.67
C TRP A 130 -6.53 6.87 15.76
N ARG A 131 -7.66 7.15 16.38
CA ARG A 131 -8.92 7.25 15.67
C ARG A 131 -8.88 8.50 14.78
N LEU A 132 -8.40 9.63 15.29
CA LEU A 132 -8.29 10.85 14.49
C LEU A 132 -7.35 10.68 13.26
N ILE A 133 -6.23 10.07 13.51
CA ILE A 133 -5.18 9.84 12.46
C ILE A 133 -5.78 8.93 11.38
N ALA A 134 -6.51 7.90 11.81
CA ALA A 134 -7.18 7.02 10.90
C ALA A 134 -8.22 7.71 10.04
N ARG A 135 -9.07 8.51 10.66
CA ARG A 135 -10.19 9.08 9.87
C ARG A 135 -9.89 10.40 9.22
N ARG A 136 -8.91 11.15 9.71
CA ARG A 136 -8.61 12.45 9.17
C ARG A 136 -7.27 12.58 8.48
N GLY A 137 -6.36 11.65 8.78
CA GLY A 137 -5.01 11.70 8.27
C GLY A 137 -4.09 12.41 9.26
N TYR A 138 -3.00 11.73 9.55
CA TYR A 138 -1.98 12.17 10.49
C TYR A 138 -1.63 13.64 10.37
N HIS A 139 -1.35 14.08 9.16
CA HIS A 139 -0.92 15.48 8.95
C HIS A 139 -2.03 16.47 9.11
N ASN A 140 -3.27 15.99 9.17
CA ASN A 140 -4.39 16.87 9.33
C ASN A 140 -4.85 16.90 10.75
N VAL A 141 -4.27 16.09 11.61
CA VAL A 141 -4.64 16.12 12.98
C VAL A 141 -3.73 17.08 13.75
N ARG A 142 -4.32 17.98 14.52
CA ARG A 142 -3.55 18.90 15.33
C ARG A 142 -3.71 18.50 16.75
N ILE A 143 -2.78 18.95 17.58
CA ILE A 143 -2.83 18.66 18.99
C ILE A 143 -4.18 19.16 19.59
N HIS A 144 -4.63 20.33 19.18
CA HIS A 144 -5.88 20.88 19.71
C HIS A 144 -7.10 19.98 19.44
N ASP A 145 -7.04 19.24 18.34
CA ASP A 145 -8.12 18.28 17.93
C ASP A 145 -8.21 17.19 18.96
N ILE A 146 -7.05 16.70 19.35
CA ILE A 146 -6.99 15.66 20.36
C ILE A 146 -7.42 16.25 21.72
N ALA A 147 -6.84 17.40 22.10
CA ALA A 147 -7.21 18.06 23.34
C ALA A 147 -8.76 18.29 23.45
N SER A 148 -9.36 18.86 22.39
CA SER A 148 -10.83 19.13 22.33
C SER A 148 -11.65 17.90 22.53
N GLU A 149 -11.22 16.81 21.96
CA GLU A 149 -11.96 15.60 21.93
C GLU A 149 -11.95 14.99 23.27
N LEU A 150 -10.87 15.20 23.98
CA LEU A 150 -10.75 14.67 25.37
C LEU A 150 -10.95 15.62 26.51
N GLY A 151 -11.02 16.91 26.22
CA GLY A 151 -11.20 17.92 27.24
C GLY A 151 -9.95 18.25 28.01
N THR A 152 -8.76 18.16 27.41
CA THR A 152 -7.61 18.56 28.17
C THR A 152 -7.01 19.75 27.45
N SER A 153 -5.76 20.05 27.79
CA SER A 153 -5.05 21.15 27.20
C SER A 153 -3.93 20.56 26.37
N ASN A 154 -3.36 21.38 25.53
CA ASN A 154 -2.28 20.95 24.71
C ASN A 154 -1.07 20.63 25.58
N ALA A 155 -0.93 21.34 26.70
CA ALA A 155 0.24 21.17 27.55
C ALA A 155 0.31 19.76 28.16
N THR A 156 -0.83 19.21 28.52
CA THR A 156 -0.89 17.83 29.05
C THR A 156 -0.46 16.83 27.96
N ILE A 157 -0.97 17.07 26.76
CA ILE A 157 -0.65 16.21 25.65
C ILE A 157 0.86 16.28 25.41
N HIS A 158 1.38 17.50 25.34
CA HIS A 158 2.83 17.67 25.09
C HIS A 158 3.70 17.03 26.14
N TYR A 159 3.24 17.10 27.40
CA TYR A 159 3.99 16.52 28.50
C TYR A 159 4.30 15.05 28.19
N HIS A 160 3.27 14.30 27.87
CA HIS A 160 3.37 12.88 27.58
C HIS A 160 4.00 12.58 26.24
N PHE A 161 3.73 13.41 25.25
CA PHE A 161 4.28 13.19 23.95
C PHE A 161 4.82 14.51 23.37
N PRO A 162 6.11 14.76 23.62
CA PRO A 162 6.81 15.99 23.24
C PRO A 162 6.55 16.39 21.80
N SER A 163 6.24 15.41 20.95
CA SER A 163 5.94 15.74 19.60
C SER A 163 4.91 14.81 18.99
N LYS A 164 4.39 15.30 17.90
CA LYS A 164 3.38 14.61 17.17
C LYS A 164 3.85 13.25 16.68
N LYS A 165 5.11 13.18 16.23
CA LYS A 165 5.68 11.92 15.83
C LYS A 165 5.74 10.91 16.94
N ASP A 166 5.94 11.36 18.18
CA ASP A 166 5.93 10.48 19.35
C ASP A 166 4.55 9.99 19.50
N ILE A 167 3.54 10.84 19.30
CA ILE A 167 2.14 10.32 19.44
C ILE A 167 1.88 9.21 18.45
N LEU A 168 2.27 9.43 17.19
CA LEU A 168 2.06 8.40 16.19
C LEU A 168 2.83 7.14 16.53
N LEU A 169 4.07 7.32 16.97
CA LEU A 169 4.88 6.17 17.25
C LEU A 169 4.29 5.35 18.39
N GLU A 170 3.91 6.03 19.49
CA GLU A 170 3.39 5.32 20.66
C GLU A 170 1.99 4.73 20.41
N ALA A 171 1.22 5.36 19.51
CA ALA A 171 -0.12 4.88 19.14
C ALA A 171 0.02 3.60 18.32
N LEU A 172 1.02 3.58 17.48
CA LEU A 172 1.33 2.41 16.68
C LEU A 172 1.80 1.27 17.55
N ARG A 173 2.68 1.55 18.51
CA ARG A 173 3.16 0.51 19.40
C ARG A 173 1.95 -0.12 20.14
N ARG A 174 1.10 0.72 20.68
CA ARG A 174 -0.05 0.23 21.38
C ARG A 174 -0.99 -0.62 20.47
N ASN A 175 -1.28 -0.12 19.30
CA ASN A 175 -2.13 -0.85 18.36
C ASN A 175 -1.58 -2.19 17.94
N VAL A 176 -0.26 -2.26 17.81
CA VAL A 176 0.43 -3.50 17.42
C VAL A 176 0.20 -4.51 18.52
N LYS A 177 0.31 -4.08 19.77
CA LYS A 177 0.04 -5.00 20.86
C LYS A 177 -1.47 -5.42 20.93
N LEU A 178 -2.39 -4.47 20.81
CA LEU A 178 -3.82 -4.82 20.81
C LEU A 178 -4.12 -5.85 19.75
N ALA A 179 -3.62 -5.59 18.56
CA ALA A 179 -3.88 -6.47 17.41
C ALA A 179 -3.33 -7.89 17.60
N PHE A 180 -2.18 -8.01 18.22
CA PHE A 180 -1.64 -9.30 18.48
C PHE A 180 -2.49 -10.01 19.56
N ASP A 181 -2.95 -9.29 20.58
CA ASP A 181 -3.83 -9.88 21.60
C ASP A 181 -5.15 -10.39 20.96
N ARG A 182 -5.69 -9.63 20.01
CA ARG A 182 -6.87 -9.97 19.29
C ARG A 182 -6.61 -11.29 18.55
N GLN A 183 -5.42 -11.39 17.94
CA GLN A 183 -5.06 -12.56 17.21
C GLN A 183 -5.01 -13.78 18.10
N VAL A 184 -4.33 -13.68 19.23
CA VAL A 184 -4.23 -14.85 20.12
C VAL A 184 -5.58 -15.34 20.61
N ALA A 185 -6.47 -14.40 20.96
CA ALA A 185 -7.80 -14.72 21.44
C ALA A 185 -8.64 -15.43 20.38
N GLU A 186 -8.56 -14.96 19.17
CA GLU A 186 -9.27 -15.58 18.07
C GLU A 186 -8.69 -16.96 17.76
N LEU A 187 -7.37 -17.17 17.85
CA LEU A 187 -6.78 -18.45 17.40
C LEU A 187 -6.49 -19.52 18.42
N HIS A 188 -6.51 -19.15 19.68
CA HIS A 188 -5.99 -20.04 20.70
C HIS A 188 -6.72 -21.41 20.79
N THR A 189 -7.99 -21.48 20.42
CA THR A 189 -8.64 -22.79 20.46
C THR A 189 -8.68 -23.50 19.09
N ILE A 190 -7.92 -23.01 18.11
CA ILE A 190 -7.96 -23.62 16.77
C ILE A 190 -6.71 -24.43 16.46
N ALA A 191 -6.82 -25.75 16.30
CA ALA A 191 -5.64 -26.64 15.97
C ALA A 191 -5.52 -26.96 14.47
N ASP A 192 -6.62 -26.97 13.72
CA ASP A 192 -6.51 -27.30 12.29
C ASP A 192 -5.85 -26.11 11.55
N ALA A 193 -4.75 -26.35 10.84
CA ALA A 193 -4.05 -25.26 10.18
C ALA A 193 -4.90 -24.54 9.15
N ARG A 194 -5.80 -25.26 8.50
CA ARG A 194 -6.55 -24.60 7.46
C ARG A 194 -7.46 -23.57 8.14
N GLU A 195 -8.10 -24.01 9.21
CA GLU A 195 -9.03 -23.13 9.91
C GLU A 195 -8.21 -21.94 10.49
N ARG A 196 -7.00 -22.19 11.00
CA ARG A 196 -6.16 -21.13 11.53
C ARG A 196 -5.84 -20.09 10.45
N LEU A 197 -5.43 -20.59 9.29
CA LEU A 197 -5.06 -19.68 8.20
C LEU A 197 -6.25 -18.86 7.77
N VAL A 198 -7.42 -19.49 7.64
CA VAL A 198 -8.66 -18.76 7.30
C VAL A 198 -8.99 -17.68 8.30
N ARG A 199 -8.83 -17.97 9.58
CA ARG A 199 -9.10 -16.98 10.61
C ARG A 199 -8.11 -15.85 10.64
N LEU A 200 -6.87 -16.22 10.46
CA LEU A 200 -5.74 -15.26 10.36
C LEU A 200 -6.00 -14.26 9.25
N VAL A 201 -6.45 -14.76 8.12
CA VAL A 201 -6.74 -13.90 6.95
C VAL A 201 -7.97 -13.06 7.21
N GLU A 202 -8.98 -13.65 7.89
CA GLU A 202 -10.17 -12.90 8.29
C GLU A 202 -9.82 -11.62 9.16
N LEU A 203 -8.90 -11.79 10.11
CA LEU A 203 -8.45 -10.68 11.00
C LEU A 203 -7.75 -9.57 10.24
N GLN A 204 -7.36 -9.82 8.98
CA GLN A 204 -6.69 -8.81 8.17
C GLN A 204 -7.60 -8.03 7.30
N LEU A 205 -8.90 -8.37 7.30
CA LEU A 205 -9.83 -7.68 6.43
C LEU A 205 -10.10 -6.35 7.02
N PRO A 206 -10.28 -5.33 6.16
CA PRO A 206 -10.62 -4.00 6.64
C PRO A 206 -12.09 -3.83 6.96
N THR A 207 -12.60 -4.66 7.87
CA THR A 207 -14.00 -4.58 8.25
C THR A 207 -14.32 -3.29 8.98
N PRO A 208 -15.58 -2.84 8.83
CA PRO A 208 -15.99 -1.59 9.44
C PRO A 208 -15.56 -1.46 10.92
N GLY A 209 -15.15 -0.25 11.27
CA GLY A 209 -14.68 0.06 12.59
C GLY A 209 -13.19 0.03 12.82
N LEU A 210 -12.76 -0.62 13.89
CA LEU A 210 -11.37 -0.62 14.28
C LEU A 210 -10.45 -1.19 13.19
N LEU A 211 -10.81 -2.33 12.62
CA LEU A 211 -9.93 -2.92 11.55
C LEU A 211 -9.78 -1.98 10.33
N ARG A 212 -10.88 -1.44 9.85
CA ARG A 212 -10.78 -0.48 8.80
C ARG A 212 -9.87 0.65 9.24
N ASP A 213 -10.08 1.14 10.45
CA ASP A 213 -9.21 2.26 10.94
C ASP A 213 -7.73 1.89 10.96
N GLU A 214 -7.43 0.69 11.43
CA GLU A 214 -6.06 0.23 11.41
C GLU A 214 -5.49 0.22 9.99
N TRP A 215 -6.22 -0.30 9.02
CA TRP A 215 -5.72 -0.16 7.62
C TRP A 215 -5.38 1.27 7.24
N SER A 216 -6.27 2.18 7.60
N SER A 216 -6.25 2.21 7.60
CA SER A 216 -6.10 3.60 7.34
CA SER A 216 -6.01 3.61 7.25
C SER A 216 -4.76 4.09 7.84
C SER A 216 -4.68 4.04 7.80
N VAL A 217 -4.46 3.70 9.06
CA VAL A 217 -3.22 4.06 9.67
C VAL A 217 -2.03 3.35 9.03
N TRP A 218 -2.16 2.05 8.75
CA TRP A 218 -1.00 1.33 8.15
C TRP A 218 -0.64 1.87 6.78
N LEU A 219 -1.64 2.33 6.02
CA LEU A 219 -1.35 2.94 4.74
C LEU A 219 -0.48 4.20 4.91
N GLN A 220 -0.79 4.95 5.97
CA GLN A 220 -0.03 6.16 6.30
C GLN A 220 1.39 5.82 6.80
N VAL A 221 1.47 4.71 7.50
CA VAL A 221 2.75 4.25 8.05
C VAL A 221 3.69 3.85 6.92
N TRP A 222 3.13 3.22 5.88
CA TRP A 222 3.97 2.84 4.77
C TRP A 222 4.72 4.04 4.24
N THR A 223 4.04 5.18 4.10
CA THR A 223 4.68 6.37 3.66
C THR A 223 5.60 6.94 4.69
N GLU A 224 5.09 7.08 5.89
CA GLU A 224 5.93 7.65 6.96
C GLU A 224 7.20 6.83 7.21
N SER A 225 7.17 5.53 6.94
CA SER A 225 8.33 4.64 7.13
C SER A 225 9.52 4.97 6.24
N THR A 226 9.22 5.47 5.03
CA THR A 226 10.19 5.81 4.03
C THR A 226 10.92 7.09 4.44
N LEU A 227 10.55 7.65 5.58
CA LEU A 227 11.10 8.91 6.03
C LEU A 227 11.58 9.01 7.47
N ASN A 228 11.07 8.12 8.33
CA ASN A 228 11.29 8.14 9.77
C ASN A 228 11.73 6.74 10.24
N PRO A 229 13.00 6.59 10.69
CA PRO A 229 13.60 5.31 11.09
C PRO A 229 12.92 4.61 12.22
N LYS A 230 12.40 5.33 13.21
CA LYS A 230 11.72 4.67 14.32
C LYS A 230 10.40 4.05 13.87
N ILE A 231 9.70 4.72 12.99
CA ILE A 231 8.43 4.19 12.51
C ILE A 231 8.74 3.05 11.60
N ARG A 232 9.81 3.18 10.81
CA ARG A 232 10.23 2.13 9.93
C ARG A 232 10.58 0.83 10.72
N ASP A 233 11.43 0.94 11.76
CA ASP A 233 11.76 -0.21 12.62
C ASP A 233 10.51 -0.85 13.27
N LEU A 234 9.59 -0.05 13.78
CA LEU A 234 8.42 -0.61 14.39
C LEU A 234 7.58 -1.33 13.36
N TYR A 235 7.40 -0.73 12.18
CA TYR A 235 6.62 -1.34 11.13
C TYR A 235 7.28 -2.66 10.72
N ASN A 236 8.60 -2.65 10.55
CA ASN A 236 9.28 -3.90 10.15
C ASN A 236 9.20 -5.01 11.18
N ASP A 237 9.30 -4.66 12.45
CA ASP A 237 9.16 -5.70 13.49
C ASP A 237 7.75 -6.24 13.50
N ALA A 238 6.75 -5.39 13.34
CA ALA A 238 5.40 -5.89 13.40
C ALA A 238 5.09 -6.79 12.17
N TYR A 239 5.58 -6.36 11.01
CA TYR A 239 5.40 -7.09 9.76
C TYR A 239 6.07 -8.45 9.84
N ASP A 240 7.27 -8.45 10.36
CA ASP A 240 8.06 -9.66 10.54
C ASP A 240 7.35 -10.68 11.39
N ARG A 241 6.72 -10.24 12.46
CA ARG A 241 6.01 -11.18 13.35
C ARG A 241 4.85 -11.82 12.61
N TRP A 242 4.14 -11.01 11.85
CA TRP A 242 2.99 -11.47 11.09
C TRP A 242 3.48 -12.45 10.00
N TYR A 243 4.54 -12.08 9.32
CA TYR A 243 5.09 -12.89 8.33
C TYR A 243 5.48 -14.27 8.85
N GLN A 244 6.13 -14.29 9.98
CA GLN A 244 6.52 -15.56 10.65
C GLN A 244 5.32 -16.39 11.11
N THR A 245 4.25 -15.74 11.57
CA THR A 245 3.03 -16.40 11.92
C THR A 245 2.41 -17.08 10.68
N ILE A 246 2.40 -16.40 9.53
CA ILE A 246 1.91 -16.97 8.33
C ILE A 246 2.76 -18.19 7.95
N ALA A 247 4.07 -18.02 7.95
CA ALA A 247 4.97 -19.15 7.53
C ALA A 247 4.84 -20.34 8.43
N THR A 249 2.19 -21.10 10.21
CA THR A 249 0.88 -21.75 9.95
C THR A 249 0.94 -22.65 8.73
N ILE A 250 1.61 -22.20 7.68
CA ILE A 250 1.79 -22.96 6.46
C ILE A 250 2.54 -24.26 6.76
N ARG A 251 3.65 -24.19 7.46
CA ARG A 251 4.40 -25.37 7.81
C ARG A 251 3.63 -26.38 8.69
N THR A 252 2.91 -25.89 9.64
CA THR A 252 2.05 -26.80 10.44
C THR A 252 1.03 -27.56 9.51
N GLY A 253 0.34 -26.82 8.64
CA GLY A 253 -0.61 -27.43 7.68
C GLY A 253 0.05 -28.46 6.76
N GLN A 254 1.30 -28.21 6.37
CA GLN A 254 2.08 -29.13 5.55
C GLN A 254 2.33 -30.36 6.37
N LYS A 255 2.75 -30.17 7.62
CA LYS A 255 2.96 -31.35 8.46
C LYS A 255 1.63 -32.12 8.72
N GLN A 256 0.51 -31.43 8.85
CA GLN A 256 -0.76 -32.10 9.07
C GLN A 256 -1.28 -32.76 7.78
N GLY A 257 -0.67 -32.46 6.62
CA GLY A 257 -1.04 -33.02 5.33
C GLY A 257 -2.20 -32.31 4.64
N VAL A 258 -2.64 -31.17 5.18
CA VAL A 258 -3.72 -30.42 4.55
C VAL A 258 -3.27 -29.33 3.60
N PHE A 259 -1.99 -28.97 3.67
CA PHE A 259 -1.44 -27.95 2.74
C PHE A 259 -0.40 -28.64 1.90
N ARG A 260 -0.28 -28.15 0.67
CA ARG A 260 0.67 -28.61 -0.32
C ARG A 260 2.09 -28.28 0.12
N ASP A 261 3.02 -29.11 -0.30
CA ASP A 261 4.40 -28.88 -0.03
C ASP A 261 4.84 -27.79 -1.01
N GLN A 262 5.48 -26.76 -0.47
CA GLN A 262 5.95 -25.55 -1.18
C GLN A 262 6.78 -24.74 -0.20
N ASP A 263 7.58 -23.81 -0.71
CA ASP A 263 8.38 -23.01 0.17
C ASP A 263 7.43 -22.09 0.96
N ALA A 264 7.44 -22.30 2.26
CA ALA A 264 6.57 -21.54 3.15
C ALA A 264 6.93 -20.06 3.19
N ASP A 265 8.23 -19.75 3.09
CA ASP A 265 8.65 -18.39 3.05
C ASP A 265 8.18 -17.62 1.81
N GLU A 266 8.27 -18.25 0.64
CA GLU A 266 7.83 -17.58 -0.61
C GLU A 266 6.33 -17.44 -0.56
N LEU A 267 5.66 -18.47 -0.07
CA LEU A 267 4.23 -18.45 0.04
C LEU A 267 3.80 -17.35 1.07
N ALA A 268 4.48 -17.25 2.22
CA ALA A 268 4.15 -16.20 3.18
C ALA A 268 4.39 -14.79 2.54
N THR A 269 5.43 -14.68 1.76
CA THR A 269 5.65 -13.41 1.01
C THR A 269 4.49 -13.09 0.08
N ARG A 270 4.10 -14.09 -0.72
CA ARG A 270 3.01 -13.92 -1.64
C ARG A 270 1.70 -13.59 -0.97
N LEU A 271 1.36 -14.36 0.07
CA LEU A 271 0.11 -14.13 0.75
C LEU A 271 0.05 -12.76 1.37
N SER A 272 1.13 -12.37 2.04
CA SER A 272 1.17 -11.07 2.67
C SER A 272 1.11 -9.92 1.71
N ALA A 273 1.82 -10.06 0.58
CA ALA A 273 1.73 -9.01 -0.40
C ALA A 273 0.30 -8.90 -1.02
N LEU A 274 -0.32 -10.04 -1.27
CA LEU A 274 -1.63 -10.11 -1.88
C LEU A 274 -2.68 -9.42 -0.98
N ILE A 275 -2.55 -9.73 0.29
CA ILE A 275 -3.44 -9.12 1.26
C ILE A 275 -3.35 -7.61 1.21
N ASP A 276 -2.12 -7.13 1.31
CA ASP A 276 -1.90 -5.66 1.25
C ASP A 276 -2.45 -5.02 0.00
N GLY A 277 -2.17 -5.63 -1.11
CA GLY A 277 -2.66 -5.09 -2.36
C GLY A 277 -4.17 -5.10 -2.48
N LEU A 278 -4.80 -6.17 -2.01
CA LEU A 278 -6.28 -6.26 -2.05
C LEU A 278 -6.83 -5.22 -1.09
N GLY A 279 -6.22 -5.03 0.05
CA GLY A 279 -6.72 -3.98 0.97
C GLY A 279 -6.73 -2.57 0.45
N ILE A 280 -5.73 -2.24 -0.38
CA ILE A 280 -5.61 -0.96 -1.01
C ILE A 280 -6.75 -0.77 -1.99
N GLN A 281 -7.04 -1.83 -2.75
CA GLN A 281 -8.13 -1.81 -3.69
C GLN A 281 -9.46 -1.56 -2.93
N VAL A 282 -9.67 -2.20 -1.78
CA VAL A 282 -10.86 -1.94 -1.03
C VAL A 282 -10.89 -0.49 -0.55
N LEU A 283 -9.86 -0.07 0.15
CA LEU A 283 -9.82 1.31 0.68
C LEU A 283 -9.87 2.40 -0.34
N THR A 284 -9.27 2.16 -1.52
CA THR A 284 -9.28 3.17 -2.51
C THR A 284 -10.51 3.19 -3.34
N GLY A 285 -11.37 2.18 -3.18
CA GLY A 285 -12.64 2.13 -3.87
C GLY A 285 -12.65 1.60 -5.30
N LYS A 286 -11.78 0.66 -5.58
CA LYS A 286 -11.77 0.03 -6.89
C LYS A 286 -13.19 -0.56 -7.20
N ARG A 287 -13.63 -0.36 -8.43
CA ARG A 287 -14.96 -0.81 -8.84
C ARG A 287 -15.14 -2.34 -8.65
N GLY A 288 -16.24 -2.75 -8.01
CA GLY A 288 -16.49 -4.17 -7.76
C GLY A 288 -15.75 -4.68 -6.53
N CYS A 289 -14.92 -3.86 -5.89
CA CYS A 289 -14.20 -4.31 -4.69
C CYS A 289 -15.04 -4.12 -3.47
N SER A 290 -14.90 -5.02 -2.52
CA SER A 290 -15.65 -4.86 -1.26
C SER A 290 -14.89 -5.73 -0.32
N VAL A 291 -15.13 -5.59 0.99
CA VAL A 291 -14.45 -6.53 1.94
C VAL A 291 -14.89 -7.99 1.53
N ASP A 292 -16.16 -8.20 1.16
CA ASP A 292 -16.64 -9.56 0.78
C ASP A 292 -15.83 -10.16 -0.41
N HIS A 293 -15.60 -9.35 -1.43
CA HIS A 293 -14.79 -9.80 -2.60
C HIS A 293 -13.38 -10.14 -2.21
N ARG A 295 -12.42 -11.05 0.77
CA ARG A 295 -12.49 -12.34 1.50
C ARG A 295 -12.53 -13.53 0.59
N GLN A 296 -13.38 -13.42 -0.42
CA GLN A 296 -13.58 -14.49 -1.40
C GLN A 296 -12.31 -14.74 -2.23
N HIS A 297 -11.68 -13.64 -2.64
CA HIS A 297 -10.47 -13.77 -3.41
C HIS A 297 -9.36 -14.48 -2.60
N LEU A 298 -9.21 -14.11 -1.35
CA LEU A 298 -8.20 -14.68 -0.51
C LEU A 298 -8.53 -16.16 -0.15
N ASN A 299 -9.79 -16.45 0.14
CA ASN A 299 -10.17 -17.84 0.38
C ASN A 299 -9.95 -18.67 -0.90
N ASP A 300 -10.25 -18.13 -2.08
CA ASP A 300 -9.95 -18.88 -3.35
C ASP A 300 -8.42 -19.14 -3.51
N PHE A 301 -7.60 -18.18 -3.14
CA PHE A 301 -6.14 -18.35 -3.22
C PHE A 301 -5.68 -19.48 -2.28
N ILE A 302 -6.17 -19.48 -1.06
CA ILE A 302 -5.84 -20.50 -0.10
C ILE A 302 -6.29 -21.90 -0.60
N GLU A 303 -7.55 -22.03 -0.99
CA GLU A 303 -8.04 -23.35 -1.45
C GLU A 303 -7.30 -23.85 -2.67
N HIS A 304 -6.95 -22.95 -3.58
CA HIS A 304 -6.34 -23.37 -4.86
C HIS A 304 -4.82 -23.31 -4.94
N ASN A 305 -4.17 -22.53 -4.08
CA ASN A 305 -2.70 -22.46 -4.10
C ASN A 305 -2.03 -23.00 -2.85
N ILE A 306 -2.80 -23.17 -1.78
CA ILE A 306 -2.23 -23.62 -0.53
C ILE A 306 -2.70 -25.00 -0.07
N VAL A 307 -4.01 -25.22 -0.12
CA VAL A 307 -4.59 -26.47 0.24
C VAL A 307 -4.16 -27.61 -0.69
N GLU A 308 -3.86 -28.77 -0.10
CA GLU A 308 -3.40 -29.97 -0.82
C GLU A 308 -4.48 -30.74 -1.60
N ARG A 309 -4.05 -31.24 -2.75
CA ARG A 309 -4.87 -31.95 -3.73
C ARG A 309 -4.76 -33.46 -3.55
N GLN B 118 5.06 30.36 -20.00
CA GLN B 118 3.94 30.03 -19.07
C GLN B 118 3.61 28.54 -19.02
N SER B 119 3.49 27.87 -20.18
CA SER B 119 3.25 26.42 -20.17
C SER B 119 4.50 25.86 -19.51
N GLU B 120 5.60 26.53 -19.81
CA GLU B 120 6.92 26.23 -19.29
C GLU B 120 7.08 26.39 -17.76
N ALA B 121 6.62 27.51 -17.24
CA ALA B 121 6.67 27.82 -15.82
C ALA B 121 5.93 26.79 -15.01
N ARG B 122 4.77 26.43 -15.50
CA ARG B 122 3.91 25.49 -14.85
C ARG B 122 4.65 24.17 -14.79
N ARG B 123 5.27 23.85 -15.90
CA ARG B 123 5.95 22.59 -16.07
C ARG B 123 7.02 22.38 -15.06
N ARG B 124 7.81 23.43 -14.84
CA ARG B 124 8.90 23.42 -13.86
C ARG B 124 8.40 23.29 -12.44
N ILE B 125 7.29 23.90 -12.14
CA ILE B 125 6.71 23.83 -10.83
C ILE B 125 6.28 22.42 -10.59
N LEU B 126 5.58 21.84 -11.56
CA LEU B 126 5.08 20.48 -11.39
C LEU B 126 6.17 19.46 -11.24
N GLU B 127 7.22 19.57 -12.06
CA GLU B 127 8.31 18.64 -11.98
C GLU B 127 9.01 18.72 -10.61
N THR B 128 9.23 19.94 -10.15
CA THR B 128 9.84 20.19 -8.86
C THR B 128 8.94 19.73 -7.69
N ALA B 129 7.66 20.03 -7.80
CA ALA B 129 6.74 19.61 -6.74
C ALA B 129 6.69 18.11 -6.66
N TRP B 130 6.64 17.42 -7.81
CA TRP B 130 6.60 15.96 -7.82
C TRP B 130 7.76 15.38 -7.05
N ARG B 131 8.96 15.88 -7.35
CA ARG B 131 10.17 15.34 -6.73
C ARG B 131 10.15 15.58 -5.20
N LEU B 132 9.84 16.78 -4.79
CA LEU B 132 9.74 17.13 -3.36
C LEU B 132 8.70 16.28 -2.65
N ILE B 133 7.53 16.17 -3.26
CA ILE B 133 6.52 15.27 -2.70
C ILE B 133 7.06 13.82 -2.62
N ALA B 134 7.74 13.31 -3.65
CA ALA B 134 8.25 11.96 -3.61
C ALA B 134 9.25 11.74 -2.50
N ARG B 135 10.13 12.73 -2.33
CA ARG B 135 11.22 12.57 -1.38
C ARG B 135 11.01 13.06 0.02
N ARG B 136 10.14 14.05 0.17
CA ARG B 136 9.89 14.63 1.51
C ARG B 136 8.51 14.33 2.10
N GLY B 137 7.55 14.03 1.24
CA GLY B 137 6.19 13.74 1.68
C GLY B 137 5.37 15.01 1.43
N TYR B 138 4.26 14.82 0.72
CA TYR B 138 3.34 15.90 0.39
C TYR B 138 3.04 16.89 1.53
N HIS B 139 2.71 16.36 2.70
CA HIS B 139 2.39 17.23 3.79
C HIS B 139 3.56 17.97 4.40
N ASN B 140 4.76 17.60 4.06
CA ASN B 140 5.95 18.26 4.56
C ASN B 140 6.47 19.26 3.58
N VAL B 141 5.89 19.29 2.39
CA VAL B 141 6.26 20.25 1.40
C VAL B 141 5.38 21.48 1.51
N ARG B 142 6.04 22.62 1.65
CA ARG B 142 5.38 23.92 1.69
C ARG B 142 5.57 24.54 0.34
N ILE B 143 4.75 25.56 0.07
CA ILE B 143 4.88 26.31 -1.16
C ILE B 143 6.25 27.03 -1.20
N HIS B 144 6.79 27.52 -0.09
N HIS B 144 6.71 27.49 -0.05
CA HIS B 144 8.12 28.18 -0.19
CA HIS B 144 8.00 28.18 0.02
C HIS B 144 9.20 27.20 -0.58
C HIS B 144 9.20 27.25 -0.29
N ASP B 145 8.98 25.94 -0.21
CA ASP B 145 9.96 24.90 -0.52
C ASP B 145 10.02 24.73 -2.03
N ILE B 146 8.87 24.76 -2.68
CA ILE B 146 8.83 24.67 -4.12
C ILE B 146 9.46 25.94 -4.70
N ALA B 147 9.10 27.12 -4.21
CA ALA B 147 9.71 28.38 -4.72
C ALA B 147 11.24 28.40 -4.60
N SER B 148 11.74 28.01 -3.43
CA SER B 148 13.16 27.95 -3.18
C SER B 148 13.89 27.00 -4.10
N GLU B 149 13.29 25.86 -4.32
CA GLU B 149 13.82 24.93 -5.25
C GLU B 149 13.92 25.49 -6.68
N LEU B 150 13.05 26.40 -7.08
CA LEU B 150 13.07 27.00 -8.46
C LEU B 150 13.58 28.41 -8.59
N GLY B 151 13.66 29.14 -7.49
CA GLY B 151 14.04 30.53 -7.57
C GLY B 151 12.93 31.52 -7.81
N THR B 152 11.67 31.09 -7.78
CA THR B 152 10.55 32.02 -7.95
C THR B 152 10.10 32.44 -6.56
N SER B 153 8.87 32.93 -6.46
CA SER B 153 8.29 33.42 -5.22
C SER B 153 7.06 32.62 -5.00
N ASN B 154 6.47 32.76 -3.83
CA ASN B 154 5.27 32.02 -3.51
C ASN B 154 4.07 32.49 -4.29
N ALA B 155 4.03 33.79 -4.60
CA ALA B 155 2.93 34.34 -5.36
C ALA B 155 2.87 33.74 -6.74
N THR B 156 4.01 33.58 -7.42
CA THR B 156 4.01 32.94 -8.74
C THR B 156 3.39 31.56 -8.62
N ILE B 157 3.87 30.80 -7.66
CA ILE B 157 3.36 29.45 -7.51
C ILE B 157 1.84 29.52 -7.34
N HIS B 158 1.34 30.40 -6.45
CA HIS B 158 -0.12 30.50 -6.22
C HIS B 158 -0.91 30.91 -7.47
N TYR B 159 -0.33 31.80 -8.26
CA TYR B 159 -0.94 32.20 -9.50
C TYR B 159 -1.31 30.97 -10.31
N HIS B 160 -0.37 30.05 -10.54
CA HIS B 160 -0.68 28.84 -11.29
C HIS B 160 -1.46 27.76 -10.60
N PHE B 161 -1.31 27.64 -9.30
CA PHE B 161 -2.02 26.61 -8.56
C PHE B 161 -2.59 27.27 -7.28
N PRO B 162 -3.90 27.47 -7.25
CA PRO B 162 -4.50 28.16 -6.10
C PRO B 162 -4.26 27.51 -4.78
N SER B 163 -4.01 26.22 -4.78
CA SER B 163 -3.73 25.53 -3.54
C SER B 163 -2.71 24.44 -3.75
N LYS B 164 -2.27 23.94 -2.62
CA LYS B 164 -1.28 22.90 -2.61
C LYS B 164 -1.87 21.67 -3.27
N LYS B 165 -3.12 21.39 -2.93
CA LYS B 165 -3.80 20.25 -3.52
C LYS B 165 -3.86 20.32 -5.05
N ASP B 166 -3.95 21.51 -5.62
CA ASP B 166 -4.04 21.62 -7.08
C ASP B 166 -2.71 21.25 -7.71
N ILE B 167 -1.64 21.50 -6.96
CA ILE B 167 -0.33 21.12 -7.42
C ILE B 167 -0.24 19.63 -7.48
N LEU B 168 -0.59 18.94 -6.38
CA LEU B 168 -0.58 17.50 -6.32
C LEU B 168 -1.41 16.86 -7.44
N LEU B 169 -2.61 17.40 -7.60
CA LEU B 169 -3.55 16.87 -8.56
C LEU B 169 -3.03 17.07 -9.98
N GLU B 170 -2.52 18.26 -10.32
CA GLU B 170 -2.01 18.49 -11.69
C GLU B 170 -0.68 17.74 -11.98
N ALA B 171 0.13 17.55 -10.94
CA ALA B 171 1.39 16.80 -11.01
C ALA B 171 1.04 15.36 -11.32
N LEU B 172 0.09 14.84 -10.59
CA LEU B 172 -0.40 13.46 -10.79
C LEU B 172 -0.93 13.24 -12.17
N ARG B 173 -1.81 14.12 -12.63
CA ARG B 173 -2.30 14.06 -13.98
C ARG B 173 -1.17 13.95 -15.00
N ARG B 174 -0.22 14.85 -14.89
CA ARG B 174 0.95 14.85 -15.72
C ARG B 174 1.67 13.50 -15.66
N ASN B 175 1.98 13.04 -14.48
CA ASN B 175 2.71 11.73 -14.27
C ASN B 175 2.02 10.53 -14.86
N VAL B 176 0.68 10.45 -14.70
CA VAL B 176 -0.14 9.34 -15.25
C VAL B 176 0.04 9.35 -16.74
N LYS B 177 0.10 10.55 -17.33
CA LYS B 177 0.29 10.63 -18.77
C LYS B 177 1.69 10.12 -19.23
N LEU B 178 2.71 10.58 -18.53
CA LEU B 178 4.09 10.19 -18.78
C LEU B 178 4.24 8.70 -18.71
N ALA B 179 3.64 8.10 -17.68
CA ALA B 179 3.76 6.68 -17.46
C ALA B 179 3.03 5.80 -18.49
N PHE B 180 1.84 6.23 -18.92
CA PHE B 180 1.17 5.57 -19.97
C PHE B 180 1.94 5.69 -21.30
N ASP B 181 2.53 6.86 -21.59
CA ASP B 181 3.39 7.04 -22.77
C ASP B 181 4.56 6.06 -22.78
N ARG B 182 5.19 5.96 -21.63
CA ARG B 182 6.34 5.10 -21.40
C ARG B 182 5.91 3.65 -21.74
N GLN B 183 4.76 3.26 -21.23
CA GLN B 183 4.25 1.94 -21.42
C GLN B 183 3.96 1.66 -22.88
N VAL B 184 3.29 2.58 -23.59
CA VAL B 184 3.09 2.40 -25.04
C VAL B 184 4.39 2.25 -25.81
N ALA B 185 5.39 3.09 -25.49
CA ALA B 185 6.68 3.05 -26.16
C ALA B 185 7.33 1.68 -25.93
N GLU B 186 7.27 1.18 -24.69
CA GLU B 186 7.88 -0.07 -24.36
C GLU B 186 7.15 -1.27 -25.01
N LEU B 187 5.82 -1.24 -25.11
CA LEU B 187 5.12 -2.40 -25.65
C LEU B 187 4.75 -2.37 -27.13
N HIS B 188 5.08 -1.28 -27.78
CA HIS B 188 4.61 -1.04 -29.13
C HIS B 188 4.92 -2.07 -30.20
N THR B 189 6.07 -2.69 -30.13
CA THR B 189 6.42 -3.66 -31.11
C THR B 189 6.20 -5.12 -30.65
N ILE B 190 5.80 -5.33 -29.39
CA ILE B 190 5.80 -6.69 -28.82
C ILE B 190 4.51 -7.49 -29.09
N ALA B 191 4.63 -8.61 -29.80
CA ALA B 191 3.38 -9.29 -30.15
C ALA B 191 3.09 -10.51 -29.29
N ASP B 192 4.14 -11.11 -28.75
CA ASP B 192 4.04 -12.25 -27.89
C ASP B 192 3.51 -11.85 -26.46
N ALA B 193 2.32 -12.33 -26.09
CA ALA B 193 1.73 -11.94 -24.80
C ALA B 193 2.55 -12.23 -23.57
N ARG B 194 3.33 -13.30 -23.58
CA ARG B 194 4.16 -13.60 -22.44
C ARG B 194 5.20 -12.53 -22.33
N GLU B 195 5.83 -12.14 -23.45
CA GLU B 195 6.85 -11.08 -23.38
C GLU B 195 6.15 -9.79 -23.01
N ARG B 196 4.99 -9.51 -23.55
CA ARG B 196 4.30 -8.29 -23.18
C ARG B 196 4.05 -8.23 -21.69
N LEU B 197 3.60 -9.32 -21.11
CA LEU B 197 3.28 -9.27 -19.68
C LEU B 197 4.50 -9.11 -18.86
N VAL B 198 5.58 -9.77 -19.27
CA VAL B 198 6.83 -9.65 -18.52
C VAL B 198 7.26 -8.21 -18.57
N ARG B 199 7.17 -7.56 -19.71
CA ARG B 199 7.55 -6.16 -19.80
C ARG B 199 6.64 -5.21 -19.02
N LEU B 200 5.35 -5.50 -19.00
CA LEU B 200 4.40 -4.69 -18.25
C LEU B 200 4.78 -4.73 -16.82
N VAL B 201 5.09 -5.94 -16.33
CA VAL B 201 5.48 -6.11 -14.96
C VAL B 201 6.83 -5.41 -14.66
N GLU B 202 7.77 -5.50 -15.57
CA GLU B 202 9.08 -4.82 -15.42
C GLU B 202 8.94 -3.29 -15.24
N LEU B 203 8.02 -2.67 -16.00
CA LEU B 203 7.72 -1.24 -15.86
C LEU B 203 7.19 -0.85 -14.50
N GLN B 204 6.69 -1.80 -13.71
CA GLN B 204 6.15 -1.45 -12.41
C GLN B 204 7.17 -1.57 -11.30
N LEU B 205 8.39 -2.00 -11.57
CA LEU B 205 9.39 -2.13 -10.52
C LEU B 205 9.86 -0.77 -10.02
N PRO B 206 10.00 -0.58 -8.69
CA PRO B 206 10.47 0.67 -8.12
C PRO B 206 11.99 0.81 -8.25
N THR B 207 12.49 0.74 -9.48
CA THR B 207 13.95 0.93 -9.72
C THR B 207 14.45 2.34 -9.25
N PRO B 208 15.68 2.43 -8.76
CA PRO B 208 16.25 3.70 -8.32
C PRO B 208 15.99 4.88 -9.31
N GLY B 209 15.74 6.06 -8.76
CA GLY B 209 15.47 7.24 -9.55
C GLY B 209 13.96 7.51 -9.83
N LEU B 210 13.63 7.74 -11.10
CA LEU B 210 12.25 8.07 -11.46
C LEU B 210 11.17 7.08 -10.97
N LEU B 211 11.34 5.76 -11.18
CA LEU B 211 10.26 4.81 -10.78
C LEU B 211 10.06 4.70 -9.27
N ARG B 212 11.15 4.75 -8.51
N ARG B 212 11.15 4.75 -8.53
CA ARG B 212 11.06 4.73 -7.07
CA ARG B 212 11.06 4.72 -7.08
C ARG B 212 10.33 5.95 -6.62
C ARG B 212 10.35 5.95 -6.61
N ASP B 213 10.68 7.06 -7.22
CA ASP B 213 9.97 8.31 -6.85
C ASP B 213 8.47 8.23 -7.20
N GLU B 214 8.16 7.68 -8.37
CA GLU B 214 6.75 7.52 -8.70
C GLU B 214 6.03 6.66 -7.65
N TRP B 215 6.63 5.54 -7.24
CA TRP B 215 6.02 4.69 -6.19
C TRP B 215 5.78 5.48 -4.91
N SER B 216 6.74 6.31 -4.53
CA SER B 216 6.60 7.13 -3.30
C SER B 216 5.36 7.99 -3.35
N VAL B 217 5.13 8.61 -4.51
CA VAL B 217 3.98 9.43 -4.64
C VAL B 217 2.73 8.58 -4.67
N TRP B 218 2.73 7.48 -5.41
CA TRP B 218 1.50 6.62 -5.40
C TRP B 218 1.13 6.16 -4.03
N LEU B 219 2.10 5.75 -3.23
CA LEU B 219 1.82 5.40 -1.81
C LEU B 219 1.04 6.49 -1.05
N GLN B 220 1.38 7.74 -1.29
CA GLN B 220 0.69 8.85 -0.65
C GLN B 220 -0.68 9.07 -1.23
N VAL B 221 -0.81 8.79 -2.50
CA VAL B 221 -2.10 8.97 -3.16
C VAL B 221 -3.06 7.90 -2.63
N TRP B 222 -2.58 6.70 -2.33
CA TRP B 222 -3.50 5.72 -1.75
C TRP B 222 -4.14 6.30 -0.50
N THR B 223 -3.38 6.97 0.35
CA THR B 223 -3.92 7.58 1.55
C THR B 223 -4.77 8.77 1.26
N GLU B 224 -4.24 9.67 0.45
CA GLU B 224 -5.02 10.88 0.14
C GLU B 224 -6.36 10.57 -0.54
N SER B 225 -6.44 9.42 -1.20
CA SER B 225 -7.70 8.95 -1.90
C SER B 225 -8.89 8.67 -1.00
N THR B 226 -8.56 8.19 0.19
CA THR B 226 -9.50 7.87 1.24
C THR B 226 -10.06 9.13 1.87
N LEU B 227 -9.60 10.29 1.45
CA LEU B 227 -10.00 11.59 2.03
C LEU B 227 -10.46 12.66 1.00
N ASN B 228 -9.87 12.63 -0.21
CA ASN B 228 -10.05 13.62 -1.29
C ASN B 228 -10.68 13.00 -2.59
N PRO B 229 -11.90 13.41 -2.97
CA PRO B 229 -12.57 12.80 -4.11
C PRO B 229 -11.92 13.04 -5.46
N LYS B 230 -11.33 14.20 -5.69
CA LYS B 230 -10.70 14.40 -7.00
C LYS B 230 -9.47 13.51 -7.16
N ILE B 231 -8.75 13.30 -6.06
CA ILE B 231 -7.59 12.43 -6.09
C ILE B 231 -8.07 10.97 -6.23
N ARG B 232 -9.10 10.60 -5.51
CA ARG B 232 -9.64 9.26 -5.62
C ARG B 232 -10.08 8.95 -7.08
N ASP B 233 -10.74 9.91 -7.72
CA ASP B 233 -11.17 9.76 -9.10
C ASP B 233 -10.04 9.62 -10.06
N LEU B 234 -9.03 10.43 -9.90
CA LEU B 234 -7.89 10.33 -10.76
C LEU B 234 -7.19 8.97 -10.53
N TYR B 235 -7.05 8.56 -9.29
CA TYR B 235 -6.41 7.26 -8.95
C TYR B 235 -7.16 6.09 -9.53
N ASN B 236 -8.46 6.06 -9.35
CA ASN B 236 -9.27 4.97 -9.87
C ASN B 236 -9.28 4.94 -11.41
N ASP B 237 -9.34 6.09 -12.09
CA ASP B 237 -9.24 6.05 -13.54
C ASP B 237 -7.87 5.50 -13.99
N ALA B 238 -6.80 5.93 -13.34
CA ALA B 238 -5.46 5.46 -13.78
C ALA B 238 -5.29 3.96 -13.55
N TYR B 239 -5.77 3.49 -12.39
CA TYR B 239 -5.70 2.10 -11.98
C TYR B 239 -6.54 1.25 -12.88
N ASP B 240 -7.76 1.71 -13.17
CA ASP B 240 -8.56 0.95 -14.07
C ASP B 240 -7.90 0.81 -15.45
N ARG B 241 -7.27 1.86 -15.96
CA ARG B 241 -6.62 1.73 -17.26
C ARG B 241 -5.55 0.64 -17.26
N TRP B 242 -4.73 0.65 -16.23
CA TRP B 242 -3.69 -0.32 -15.98
C TRP B 242 -4.25 -1.72 -15.84
N TYR B 243 -5.24 -1.88 -14.98
CA TYR B 243 -5.88 -3.10 -14.73
C TYR B 243 -6.45 -3.72 -16.04
N GLN B 244 -7.13 -2.91 -16.86
CA GLN B 244 -7.69 -3.41 -18.16
C GLN B 244 -6.62 -3.85 -19.07
N THR B 245 -5.50 -3.14 -19.05
CA THR B 245 -4.35 -3.51 -19.81
C THR B 245 -3.84 -4.92 -19.43
N ILE B 246 -3.73 -5.21 -18.14
CA ILE B 246 -3.25 -6.51 -17.65
C ILE B 246 -4.23 -7.59 -18.08
N ALA B 247 -5.51 -7.33 -17.87
CA ALA B 247 -6.56 -8.29 -18.26
C ALA B 247 -6.57 -8.60 -19.76
N THR B 249 -4.05 -8.21 -21.84
CA THR B 249 -2.88 -8.98 -22.12
C THR B 249 -3.04 -10.49 -21.79
N ILE B 250 -3.66 -10.79 -20.66
CA ILE B 250 -3.90 -12.14 -20.26
C ILE B 250 -4.78 -12.85 -21.23
N ARG B 251 -5.83 -12.20 -21.66
CA ARG B 251 -6.77 -12.76 -22.60
C ARG B 251 -6.12 -13.05 -23.95
N THR B 252 -5.24 -12.16 -24.34
CA THR B 252 -4.47 -12.37 -25.56
C THR B 252 -3.65 -13.64 -25.46
N GLY B 253 -2.89 -13.76 -24.39
CA GLY B 253 -2.08 -14.92 -24.18
C GLY B 253 -2.93 -16.18 -24.16
N GLN B 254 -4.15 -16.10 -23.61
CA GLN B 254 -5.06 -17.23 -23.59
C GLN B 254 -5.48 -17.57 -25.01
N LYS B 255 -5.76 -16.56 -25.85
CA LYS B 255 -6.14 -16.80 -27.23
C LYS B 255 -4.96 -17.35 -28.00
N GLN B 256 -3.75 -16.84 -27.77
CA GLN B 256 -2.52 -17.37 -28.43
C GLN B 256 -2.14 -18.78 -27.95
N GLY B 257 -2.71 -19.24 -26.83
CA GLY B 257 -2.38 -20.56 -26.29
C GLY B 257 -1.21 -20.66 -25.30
N VAL B 258 -0.62 -19.54 -24.90
CA VAL B 258 0.55 -19.51 -23.96
C VAL B 258 0.11 -19.45 -22.52
N PHE B 259 -1.06 -18.85 -22.29
CA PHE B 259 -1.55 -18.71 -20.92
C PHE B 259 -2.66 -19.67 -20.64
N ARG B 260 -2.72 -20.12 -19.39
CA ARG B 260 -3.74 -21.05 -18.92
C ARG B 260 -5.10 -20.40 -18.99
N ASP B 261 -6.12 -21.17 -19.35
CA ASP B 261 -7.45 -20.59 -19.45
C ASP B 261 -7.95 -20.46 -18.01
N GLN B 262 -8.17 -19.23 -17.58
CA GLN B 262 -8.51 -18.92 -16.21
C GLN B 262 -9.12 -17.54 -16.22
N ASP B 263 -10.02 -17.20 -15.30
CA ASP B 263 -10.68 -15.90 -15.41
C ASP B 263 -9.64 -14.82 -15.38
N ALA B 264 -9.59 -14.07 -16.47
CA ALA B 264 -8.61 -13.01 -16.63
C ALA B 264 -8.77 -11.90 -15.63
N ASP B 265 -10.01 -11.52 -15.36
CA ASP B 265 -10.26 -10.48 -14.39
C ASP B 265 -9.68 -10.81 -13.02
N GLU B 266 -9.93 -12.05 -12.55
CA GLU B 266 -9.45 -12.49 -11.22
C GLU B 266 -7.92 -12.57 -11.22
N LEU B 267 -7.38 -13.08 -12.29
CA LEU B 267 -5.95 -13.11 -12.42
C LEU B 267 -5.32 -11.70 -12.44
N ALA B 268 -5.92 -10.79 -13.20
CA ALA B 268 -5.43 -9.42 -13.24
C ALA B 268 -5.50 -8.83 -11.83
N THR B 269 -6.61 -9.07 -11.13
CA THR B 269 -6.78 -8.59 -9.75
C THR B 269 -5.65 -9.13 -8.85
N ARG B 270 -5.36 -10.41 -8.95
CA ARG B 270 -4.32 -11.00 -8.14
C ARG B 270 -2.91 -10.43 -8.47
N LEU B 271 -2.60 -10.35 -9.75
CA LEU B 271 -1.31 -9.84 -10.18
C LEU B 271 -1.19 -8.39 -9.79
N SER B 272 -2.21 -7.57 -10.02
CA SER B 272 -2.10 -6.18 -9.61
C SER B 272 -1.89 -6.02 -8.12
N ALA B 273 -2.62 -6.83 -7.35
CA ALA B 273 -2.53 -6.74 -5.92
C ALA B 273 -1.13 -7.17 -5.39
N LEU B 274 -0.61 -8.21 -6.02
CA LEU B 274 0.71 -8.74 -5.72
C LEU B 274 1.82 -7.74 -6.02
N ILE B 275 1.68 -7.04 -7.13
CA ILE B 275 2.63 -6.03 -7.50
C ILE B 275 2.67 -4.93 -6.43
N ASP B 276 1.51 -4.42 -6.06
CA ASP B 276 1.37 -3.39 -5.02
C ASP B 276 1.97 -3.85 -3.68
N GLY B 277 1.58 -5.03 -3.23
CA GLY B 277 2.13 -5.52 -1.98
C GLY B 277 3.64 -5.70 -1.96
N LEU B 278 4.20 -6.24 -3.04
CA LEU B 278 5.67 -6.42 -3.11
C LEU B 278 6.39 -5.06 -3.12
N GLY B 279 5.83 -4.12 -3.86
CA GLY B 279 6.36 -2.73 -3.89
C GLY B 279 6.48 -2.11 -2.53
N ILE B 280 5.46 -2.29 -1.71
CA ILE B 280 5.46 -1.82 -0.35
C ILE B 280 6.60 -2.46 0.44
N GLN B 281 6.75 -3.76 0.28
CA GLN B 281 7.79 -4.49 1.03
C GLN B 281 9.18 -3.94 0.62
N VAL B 282 9.33 -3.59 -0.65
CA VAL B 282 10.60 -3.00 -1.09
C VAL B 282 10.76 -1.65 -0.49
N LEU B 283 9.79 -0.77 -0.69
CA LEU B 283 9.92 0.59 -0.19
C LEU B 283 10.04 0.69 1.28
N THR B 284 9.40 -0.20 2.04
CA THR B 284 9.50 -0.13 3.51
C THR B 284 10.70 -0.82 4.13
N GLY B 285 11.46 -1.51 3.32
CA GLY B 285 12.68 -2.12 3.82
C GLY B 285 12.56 -3.50 4.42
N LYS B 286 11.59 -4.30 4.00
CA LYS B 286 11.46 -5.66 4.55
C LYS B 286 12.79 -6.35 4.32
N ARG B 287 13.16 -7.17 5.29
CA ARG B 287 14.46 -7.85 5.26
C ARG B 287 14.49 -8.85 4.11
N GLY B 288 15.57 -8.84 3.33
CA GLY B 288 15.73 -9.77 2.20
C GLY B 288 15.01 -9.28 0.96
N CYS B 289 14.36 -8.12 1.06
CA CYS B 289 13.64 -7.61 -0.07
C CYS B 289 14.56 -6.70 -0.90
N SER B 290 14.26 -6.61 -2.19
CA SER B 290 15.04 -5.80 -3.10
C SER B 290 14.28 -5.78 -4.40
N VAL B 291 14.56 -4.79 -5.24
CA VAL B 291 13.90 -4.77 -6.53
C VAL B 291 14.06 -6.08 -7.25
N ASP B 292 15.25 -6.67 -7.20
CA ASP B 292 15.49 -7.93 -7.91
C ASP B 292 14.67 -9.12 -7.39
N HIS B 293 14.51 -9.17 -6.10
CA HIS B 293 13.70 -10.20 -5.52
C HIS B 293 12.21 -10.00 -5.83
N ARG B 295 11.25 -8.69 -8.62
CA ARG B 295 11.21 -9.09 -10.02
C ARG B 295 11.09 -10.62 -10.17
N GLN B 296 11.94 -11.31 -9.42
CA GLN B 296 11.93 -12.76 -9.45
C GLN B 296 10.64 -13.34 -8.97
N HIS B 297 10.12 -12.76 -7.90
CA HIS B 297 8.90 -13.26 -7.35
C HIS B 297 7.76 -13.14 -8.40
N LEU B 298 7.66 -11.98 -9.03
CA LEU B 298 6.64 -11.75 -10.05
C LEU B 298 6.82 -12.63 -11.31
N ASN B 299 8.05 -12.70 -11.85
CA ASN B 299 8.31 -13.60 -12.93
C ASN B 299 7.90 -15.08 -12.56
N ASP B 300 8.16 -15.51 -11.34
CA ASP B 300 7.82 -16.87 -10.93
C ASP B 300 6.28 -17.01 -10.92
N PHE B 301 5.59 -15.96 -10.51
CA PHE B 301 4.12 -15.97 -10.47
C PHE B 301 3.57 -16.14 -11.88
N ILE B 302 4.10 -15.38 -12.82
CA ILE B 302 3.69 -15.47 -14.21
C ILE B 302 4.01 -16.90 -14.79
N GLU B 303 5.25 -17.33 -14.65
CA GLU B 303 5.65 -18.66 -15.17
C GLU B 303 4.89 -19.82 -14.56
N HIS B 304 4.57 -19.71 -13.27
CA HIS B 304 3.92 -20.82 -12.58
C HIS B 304 2.45 -20.74 -12.40
N ASN B 305 1.86 -19.55 -12.48
CA ASN B 305 0.43 -19.42 -12.30
C ASN B 305 -0.29 -18.97 -13.53
N ILE B 306 0.42 -18.30 -14.44
CA ILE B 306 -0.22 -17.77 -15.62
C ILE B 306 0.10 -18.60 -16.85
N VAL B 307 1.39 -18.85 -17.07
CA VAL B 307 1.79 -19.62 -18.21
C VAL B 307 1.29 -21.05 -18.20
N GLU B 308 0.88 -21.47 -19.39
CA GLU B 308 0.35 -22.81 -19.63
C GLU B 308 1.48 -23.88 -19.44
N ARG B 309 1.35 -24.76 -18.44
CA ARG B 309 2.31 -25.84 -18.13
C ARG B 309 2.14 -26.65 -19.37
N ARG B 310 3.21 -26.79 -20.13
CA ARG B 310 3.10 -27.48 -21.40
C ARG B 310 4.37 -27.51 -22.21
#